data_5FHF
#
_entry.id   5FHF
#
_cell.length_a   67.090
_cell.length_b   75.310
_cell.length_c   111.390
_cell.angle_alpha   90.00
_cell.angle_beta   90.00
_cell.angle_gamma   90.00
#
_symmetry.space_group_name_H-M   'P 21 21 21'
#
loop_
_entity.id
_entity.type
_entity.pdbx_description
1 polymer 'Uncharacterized protein'
2 non-polymer "ADENOSINE-5'-DIPHOSPHATE"
3 non-polymer 'TETRAFLUOROALUMINATE ION'
4 water water
#
_entity_poly.entity_id   1
_entity_poly.type   'polypeptide(L)'
_entity_poly.pdbx_seq_one_letter_code
;MEDMILTEEMQKIMNLIQDDENNVFVTGKAGSGKTTFLKYLIEKSGKNCIVAAPTGIAAINAGGVTLHSLFGIPFGPITP
YDRLENKFSEYKVELLLKMELLIIDEISMVRPDILDTIDRKLRWVYESDEPFGGVQVVMFGDLFQLPPVTKKQEREILSD
FYDGFFFFNALVFKRTGFHIVELTKIFRQTEPEFINVLNNIRNYQVTSDELDLLSELKDRKISSSYDNEYIHICTHKADV
EKINADKLGEQEIRNYDIVIKDKFPESSIPCDLHLKLRVGARVMSLVNDSLKGYYNGMLGIVTALEDNVITVRMDNGRTI
KFERYTWSNTQYTLKDNEIVKEEIGSCTQFPLTLAWAITIHKSQGLTFDKIIIHVSHTFCPGQLYVALSRCRTLEGIVSD
AFITKQMIIPEYALIDFERAYKSEGNYYGKRLD
;
_entity_poly.pdbx_strand_id   A
#
loop_
_chem_comp.id
_chem_comp.type
_chem_comp.name
_chem_comp.formula
ADP non-polymer ADENOSINE-5'-DIPHOSPHATE 'C10 H15 N5 O10 P2'
ALF non-polymer 'TETRAFLUOROALUMINATE ION' 'Al F4 -1'
#
# COMPACT_ATOMS: atom_id res chain seq x y z
N ASP A 3 4.07 7.65 22.51
CA ASP A 3 2.84 6.83 22.50
C ASP A 3 3.04 5.46 21.86
N MET A 4 4.06 5.34 21.02
CA MET A 4 4.29 4.13 20.28
C MET A 4 4.71 2.98 21.20
N ILE A 5 4.19 1.79 20.91
CA ILE A 5 4.65 0.55 21.52
C ILE A 5 5.75 -0.06 20.67
N LEU A 6 6.83 -0.49 21.32
CA LEU A 6 7.86 -1.27 20.65
C LEU A 6 7.57 -2.75 20.93
N THR A 7 7.05 -3.45 19.92
CA THR A 7 6.79 -4.87 20.14
C THR A 7 8.05 -5.69 19.92
N GLU A 8 7.96 -6.94 20.37
CA GLU A 8 9.03 -7.92 20.19
C GLU A 8 9.33 -8.16 18.72
N GLU A 9 8.29 -8.27 17.88
CA GLU A 9 8.52 -8.43 16.44
C GLU A 9 9.24 -7.20 15.88
N MET A 10 8.84 -6.01 16.32
CA MET A 10 9.55 -4.80 15.90
C MET A 10 11.01 -4.85 16.34
N GLN A 11 11.25 -5.14 17.62
CA GLN A 11 12.63 -5.22 18.10
C GLN A 11 13.40 -6.31 17.35
N LYS A 12 12.73 -7.41 17.02
CA LYS A 12 13.40 -8.48 16.28
C LYS A 12 13.88 -8.00 14.92
N ILE A 13 13.10 -7.14 14.25
CA ILE A 13 13.56 -6.54 13.01
C ILE A 13 14.78 -5.65 13.25
N MET A 14 14.75 -4.85 14.33
CA MET A 14 15.90 -4.00 14.62
C MET A 14 17.12 -4.85 14.93
N ASN A 15 16.92 -5.97 15.63
CA ASN A 15 18.04 -6.87 15.89
C ASN A 15 18.67 -7.36 14.60
N LEU A 16 17.83 -7.69 13.60
CA LEU A 16 18.35 -8.23 12.34
C LEU A 16 19.11 -7.19 11.53
N ILE A 17 18.67 -6.00 11.52
CA ILE A 17 19.36 -5.07 10.64
C ILE A 17 20.60 -4.46 11.25
N GLN A 18 20.85 -4.73 12.42
CA GLN A 18 22.15 -4.38 12.99
C GLN A 18 23.28 -5.00 12.19
N ASP A 19 23.19 -6.30 11.91
CA ASP A 19 24.09 -6.94 10.96
C ASP A 19 23.81 -6.37 9.57
N ASP A 20 24.69 -5.49 9.10
CA ASP A 20 24.53 -4.78 7.83
C ASP A 20 24.30 -5.70 6.63
N GLU A 21 24.58 -6.99 6.77
CA GLU A 21 24.43 -7.98 5.72
C GLU A 21 23.01 -8.53 5.61
N ASN A 22 22.14 -8.25 6.60
CA ASN A 22 20.80 -8.80 6.66
C ASN A 22 19.85 -7.92 5.87
N ASN A 23 19.22 -8.48 4.85
CA ASN A 23 18.05 -7.85 4.25
C ASN A 23 16.80 -8.40 4.94
N VAL A 24 15.75 -7.59 4.99
CA VAL A 24 14.60 -8.01 5.79
C VAL A 24 13.32 -7.63 5.06
N PHE A 25 12.38 -8.57 5.03
CA PHE A 25 11.04 -8.32 4.54
C PHE A 25 10.16 -8.19 5.77
N VAL A 26 9.53 -7.02 5.91
CA VAL A 26 8.61 -6.74 7.01
C VAL A 26 7.22 -6.76 6.42
N THR A 27 6.39 -7.68 6.90
CA THR A 27 5.07 -7.86 6.32
C THR A 27 4.04 -7.83 7.44
N GLY A 28 2.77 -7.75 7.05
CA GLY A 28 1.71 -7.77 8.02
C GLY A 28 0.49 -7.13 7.44
N LYS A 29 -0.69 -7.52 7.92
CA LYS A 29 -1.93 -6.97 7.39
C LYS A 29 -2.02 -5.46 7.69
N ALA A 30 -3.02 -4.83 7.08
CA ALA A 30 -3.35 -3.45 7.37
C ALA A 30 -3.57 -3.22 8.86
N GLY A 31 -3.02 -2.12 9.38
CA GLY A 31 -3.14 -1.81 10.79
C GLY A 31 -2.18 -2.52 11.71
N SER A 32 -1.17 -3.24 11.18
CA SER A 32 -0.21 -3.93 12.04
C SER A 32 1.02 -3.08 12.35
N GLY A 33 1.03 -1.81 11.98
CA GLY A 33 2.11 -0.91 12.34
C GLY A 33 3.24 -0.81 11.35
N LYS A 34 3.04 -1.22 10.08
CA LYS A 34 4.10 -1.14 9.08
C LYS A 34 4.57 0.29 8.87
N THR A 35 3.65 1.21 8.54
CA THR A 35 4.04 2.61 8.35
C THR A 35 4.69 3.19 9.59
N THR A 36 4.07 2.97 10.74
CA THR A 36 4.61 3.52 11.99
C THR A 36 6.01 3.00 12.24
N PHE A 37 6.23 1.70 12.02
CA PHE A 37 7.53 1.13 12.31
C PHE A 37 8.58 1.54 11.28
N LEU A 38 8.16 1.78 10.04
CA LEU A 38 9.10 2.29 9.05
C LEU A 38 9.73 3.60 9.53
N LYS A 39 8.91 4.51 10.07
CA LYS A 39 9.44 5.78 10.54
C LYS A 39 10.43 5.56 11.69
N TYR A 40 10.04 4.76 12.67
CA TYR A 40 10.96 4.41 13.76
C TYR A 40 12.22 3.75 13.22
N LEU A 41 12.08 2.91 12.21
CA LEU A 41 13.23 2.24 11.61
C LEU A 41 14.24 3.26 11.09
N ILE A 42 13.76 4.25 10.35
CA ILE A 42 14.65 5.27 9.80
C ILE A 42 15.43 5.95 10.92
N GLU A 43 14.73 6.40 11.97
CA GLU A 43 15.37 7.18 13.02
C GLU A 43 16.39 6.34 13.80
N LYS A 44 16.09 5.08 14.09
CA LYS A 44 16.94 4.28 14.95
C LYS A 44 17.98 3.48 14.18
N SER A 45 17.96 3.49 12.85
CA SER A 45 18.85 2.61 12.10
C SER A 45 20.31 3.03 12.24
N GLY A 46 20.56 4.32 12.40
CA GLY A 46 21.93 4.79 12.40
C GLY A 46 22.55 4.81 11.03
N LYS A 47 21.73 4.78 9.99
CA LYS A 47 22.22 4.66 8.62
C LYS A 47 21.59 5.75 7.78
N ASN A 48 22.25 6.08 6.66
CA ASN A 48 21.64 6.96 5.67
C ASN A 48 20.63 6.16 4.85
N CYS A 49 19.35 6.50 5.02
CA CYS A 49 18.25 5.78 4.42
C CYS A 49 17.65 6.58 3.27
N ILE A 50 17.21 5.86 2.25
CA ILE A 50 16.33 6.39 1.22
C ILE A 50 15.08 5.52 1.19
N VAL A 51 13.91 6.15 1.14
CA VAL A 51 12.63 5.44 1.11
C VAL A 51 12.06 5.55 -0.30
N ALA A 52 11.71 4.42 -0.90
CA ALA A 52 11.16 4.44 -2.24
C ALA A 52 9.96 3.49 -2.30
N ALA A 53 9.09 3.74 -3.27
CA ALA A 53 7.88 2.95 -3.46
C ALA A 53 7.66 2.82 -4.96
N PRO A 54 6.88 1.81 -5.39
CA PRO A 54 6.69 1.61 -6.84
C PRO A 54 5.74 2.58 -7.51
N THR A 55 4.82 3.23 -6.79
CA THR A 55 3.93 4.20 -7.42
C THR A 55 4.10 5.57 -6.79
N GLY A 56 3.64 6.60 -7.51
CA GLY A 56 3.81 7.96 -7.04
C GLY A 56 3.01 8.25 -5.78
N ILE A 57 1.77 7.73 -5.71
CA ILE A 57 0.94 7.99 -4.53
C ILE A 57 1.56 7.33 -3.29
N ALA A 58 2.06 6.11 -3.43
CA ALA A 58 2.71 5.43 -2.31
C ALA A 58 3.96 6.17 -1.85
N ALA A 59 4.78 6.66 -2.80
CA ALA A 59 5.96 7.44 -2.42
C ALA A 59 5.57 8.71 -1.69
N ILE A 60 4.57 9.44 -2.21
CA ILE A 60 4.12 10.65 -1.56
C ILE A 60 3.71 10.35 -0.12
N ASN A 61 2.88 9.31 0.05
CA ASN A 61 2.36 8.93 1.36
C ASN A 61 3.45 8.52 2.35
N ALA A 62 4.49 7.82 1.88
CA ALA A 62 5.56 7.38 2.78
C ALA A 62 6.70 8.39 2.91
N GLY A 63 6.60 9.54 2.25
CA GLY A 63 7.63 10.55 2.36
C GLY A 63 8.87 10.25 1.56
N GLY A 64 8.77 9.35 0.58
CA GLY A 64 9.93 9.04 -0.23
C GLY A 64 9.72 9.34 -1.70
N VAL A 65 10.45 8.62 -2.54
CA VAL A 65 10.45 8.87 -3.98
C VAL A 65 10.07 7.58 -4.69
N THR A 66 9.69 7.70 -5.96
CA THR A 66 9.38 6.48 -6.72
C THR A 66 10.64 5.74 -7.11
N LEU A 67 10.54 4.42 -7.22
CA LEU A 67 11.68 3.62 -7.66
C LEU A 67 12.15 4.06 -9.03
N HIS A 68 11.22 4.31 -9.95
CA HIS A 68 11.58 4.64 -11.32
C HIS A 68 12.33 5.97 -11.39
N SER A 69 11.91 6.98 -10.62
CA SER A 69 12.65 8.23 -10.70
C SER A 69 14.00 8.10 -10.01
N LEU A 70 14.04 7.42 -8.86
CA LEU A 70 15.28 7.32 -8.08
C LEU A 70 16.38 6.61 -8.86
N PHE A 71 16.04 5.49 -9.50
CA PHE A 71 17.02 4.64 -10.18
C PHE A 71 16.98 4.78 -11.70
N GLY A 72 16.28 5.77 -12.25
CA GLY A 72 16.24 5.93 -13.70
C GLY A 72 15.78 4.69 -14.43
N ILE A 73 14.78 4.02 -13.90
CA ILE A 73 14.30 2.77 -14.51
C ILE A 73 13.37 3.13 -15.66
N PRO A 74 13.58 2.58 -16.85
CA PRO A 74 12.62 2.79 -17.92
C PRO A 74 11.33 2.04 -17.60
N PHE A 75 10.24 2.53 -18.16
CA PHE A 75 8.94 1.90 -17.98
C PHE A 75 8.82 0.70 -18.91
N GLY A 76 8.16 -0.36 -18.45
CA GLY A 76 8.03 -1.56 -19.25
C GLY A 76 8.94 -2.66 -18.76
N PRO A 77 8.65 -3.89 -19.13
CA PRO A 77 9.44 -5.02 -18.64
C PRO A 77 10.88 -4.96 -19.13
N ILE A 78 11.77 -5.53 -18.33
CA ILE A 78 13.19 -5.47 -18.59
C ILE A 78 13.77 -6.84 -18.29
N THR A 79 14.24 -7.54 -19.33
CA THR A 79 14.95 -8.81 -19.15
C THR A 79 16.38 -8.55 -18.72
N PRO A 80 17.07 -9.57 -18.19
CA PRO A 80 18.47 -9.39 -17.79
C PRO A 80 19.38 -8.89 -18.91
N TYR A 81 19.06 -9.13 -20.19
CA TYR A 81 19.98 -8.77 -21.26
C TYR A 81 19.52 -7.58 -22.06
N ASP A 82 18.44 -6.90 -21.65
CA ASP A 82 18.20 -5.57 -22.20
C ASP A 82 19.21 -4.63 -21.58
N ARG A 83 19.85 -3.81 -22.42
CA ARG A 83 20.95 -2.99 -21.96
C ARG A 83 20.42 -1.66 -21.42
N LEU A 84 20.95 -1.26 -20.27
CA LEU A 84 20.49 -0.07 -19.56
C LEU A 84 21.42 1.10 -19.85
N GLU A 85 20.85 2.25 -20.19
CA GLU A 85 21.65 3.42 -20.55
C GLU A 85 22.48 3.96 -19.38
N ASN A 86 21.99 3.84 -18.14
CA ASN A 86 22.74 4.28 -16.96
C ASN A 86 23.08 5.77 -17.02
N LYS A 87 22.14 6.59 -17.52
CA LYS A 87 22.39 8.02 -17.60
C LYS A 87 22.03 8.71 -16.28
N PHE A 88 22.82 8.39 -15.26
CA PHE A 88 22.74 9.04 -13.95
C PHE A 88 23.49 10.36 -13.96
N SER A 89 22.86 11.42 -13.48
CA SER A 89 23.59 12.66 -13.25
C SER A 89 24.66 12.43 -12.19
N GLU A 90 25.61 13.39 -12.10
CA GLU A 90 26.70 13.19 -11.15
C GLU A 90 26.19 13.22 -9.72
N TYR A 91 25.24 14.11 -9.43
CA TYR A 91 24.70 14.21 -8.08
C TYR A 91 23.91 12.96 -7.68
N LYS A 92 23.16 12.36 -8.62
CA LYS A 92 22.51 11.09 -8.33
CA LYS A 92 22.51 11.09 -8.33
C LYS A 92 23.53 10.02 -7.96
N VAL A 93 24.63 9.92 -8.73
CA VAL A 93 25.66 8.94 -8.40
C VAL A 93 26.19 9.18 -6.99
N GLU A 94 26.47 10.45 -6.64
CA GLU A 94 27.00 10.70 -5.29
C GLU A 94 25.96 10.41 -4.23
N LEU A 95 24.68 10.74 -4.48
CA LEU A 95 23.62 10.37 -3.56
C LEU A 95 23.58 8.86 -3.34
N LEU A 96 23.50 8.08 -4.43
CA LEU A 96 23.41 6.62 -4.26
C LEU A 96 24.62 6.06 -3.54
N LEU A 97 25.80 6.69 -3.70
CA LEU A 97 27.01 6.17 -3.07
C LEU A 97 27.01 6.41 -1.56
N LYS A 98 26.18 7.32 -1.08
CA LYS A 98 26.03 7.53 0.36
C LYS A 98 24.88 6.74 0.98
N MET A 99 24.01 6.14 0.16
CA MET A 99 22.88 5.38 0.66
C MET A 99 23.36 4.06 1.27
N GLU A 100 23.14 3.91 2.58
CA GLU A 100 23.50 2.69 3.27
C GLU A 100 22.32 1.74 3.44
N LEU A 101 21.09 2.25 3.36
CA LEU A 101 19.91 1.44 3.65
C LEU A 101 18.82 1.88 2.67
N LEU A 102 18.42 0.99 1.78
CA LEU A 102 17.32 1.25 0.87
C LEU A 102 16.07 0.64 1.45
N ILE A 103 15.04 1.46 1.65
CA ILE A 103 13.75 1.01 2.14
C ILE A 103 12.77 1.10 0.99
N ILE A 104 12.17 -0.04 0.65
CA ILE A 104 11.18 -0.13 -0.42
C ILE A 104 9.83 -0.40 0.23
N ASP A 105 8.92 0.56 0.13
CA ASP A 105 7.58 0.39 0.66
C ASP A 105 6.67 -0.20 -0.41
N GLU A 106 5.59 -0.85 0.04
CA GLU A 106 4.62 -1.52 -0.86
C GLU A 106 5.31 -2.52 -1.80
N ILE A 107 6.20 -3.34 -1.23
CA ILE A 107 7.05 -4.22 -2.04
C ILE A 107 6.21 -5.20 -2.87
N SER A 108 4.98 -5.51 -2.43
CA SER A 108 4.16 -6.44 -3.19
C SER A 108 3.71 -5.86 -4.52
N MET A 109 3.79 -4.55 -4.70
CA MET A 109 3.44 -3.92 -5.96
C MET A 109 4.64 -3.90 -6.93
N VAL A 110 5.77 -4.46 -6.55
CA VAL A 110 7.01 -4.34 -7.32
C VAL A 110 7.19 -5.61 -8.13
N ARG A 111 6.96 -5.51 -9.44
CA ARG A 111 7.30 -6.58 -10.37
C ARG A 111 8.76 -6.99 -10.17
N PRO A 112 9.09 -8.28 -10.28
CA PRO A 112 10.44 -8.70 -9.92
C PRO A 112 11.53 -8.15 -10.85
N ASP A 113 11.25 -7.83 -12.11
CA ASP A 113 12.32 -7.29 -12.95
C ASP A 113 12.77 -5.91 -12.48
N ILE A 114 11.90 -5.18 -11.76
CA ILE A 114 12.29 -3.88 -11.22
C ILE A 114 13.36 -4.03 -10.16
N LEU A 115 13.23 -5.06 -9.30
CA LEU A 115 14.27 -5.31 -8.32
C LEU A 115 15.58 -5.69 -8.99
N ASP A 116 15.51 -6.48 -10.07
CA ASP A 116 16.76 -6.86 -10.72
C ASP A 116 17.40 -5.68 -11.41
N THR A 117 16.58 -4.82 -12.04
CA THR A 117 17.10 -3.58 -12.60
C THR A 117 17.73 -2.70 -11.52
N ILE A 118 17.13 -2.63 -10.33
CA ILE A 118 17.74 -1.86 -9.25
C ILE A 118 19.05 -2.50 -8.82
N ASP A 119 19.08 -3.83 -8.69
CA ASP A 119 20.32 -4.52 -8.33
C ASP A 119 21.42 -4.23 -9.35
N ARG A 120 21.06 -4.21 -10.64
CA ARG A 120 22.00 -3.96 -11.72
C ARG A 120 22.49 -2.52 -11.71
N LYS A 121 21.60 -1.55 -11.51
CA LYS A 121 22.04 -0.15 -11.49
C LYS A 121 22.95 0.12 -10.30
N LEU A 122 22.66 -0.47 -9.15
CA LEU A 122 23.50 -0.24 -7.98
C LEU A 122 24.86 -0.89 -8.13
N ARG A 123 24.91 -2.06 -8.75
CA ARG A 123 26.20 -2.71 -8.99
C ARG A 123 27.06 -1.85 -9.92
N TRP A 124 26.44 -1.24 -10.93
CA TRP A 124 27.14 -0.34 -11.84
C TRP A 124 27.65 0.87 -11.08
N VAL A 125 26.84 1.42 -10.18
CA VAL A 125 27.21 2.64 -9.48
C VAL A 125 28.30 2.39 -8.46
N TYR A 126 28.24 1.26 -7.78
CA TYR A 126 29.24 0.90 -6.79
C TYR A 126 30.43 0.15 -7.39
N GLU A 127 30.41 -0.09 -8.70
CA GLU A 127 31.39 -0.95 -9.40
C GLU A 127 31.69 -2.20 -8.57
N SER A 128 30.63 -2.97 -8.32
CA SER A 128 30.71 -4.07 -7.37
C SER A 128 29.96 -5.27 -7.91
N ASP A 129 30.37 -6.46 -7.45
CA ASP A 129 29.68 -7.71 -7.74
C ASP A 129 28.69 -8.11 -6.65
N GLU A 130 28.73 -7.46 -5.49
CA GLU A 130 27.74 -7.75 -4.46
C GLU A 130 26.35 -7.35 -4.96
N PRO A 131 25.32 -8.14 -4.64
CA PRO A 131 23.95 -7.75 -5.01
C PRO A 131 23.59 -6.41 -4.37
N PHE A 132 22.90 -5.57 -5.14
CA PHE A 132 22.48 -4.24 -4.72
C PHE A 132 23.69 -3.37 -4.38
N GLY A 133 24.83 -3.69 -5.01
CA GLY A 133 26.09 -3.04 -4.72
C GLY A 133 26.50 -3.09 -3.26
N GLY A 134 25.97 -4.04 -2.50
CA GLY A 134 26.20 -4.07 -1.06
C GLY A 134 25.24 -3.24 -0.22
N VAL A 135 24.37 -2.44 -0.84
CA VAL A 135 23.37 -1.68 -0.09
C VAL A 135 22.40 -2.65 0.60
N GLN A 136 22.21 -2.45 1.91
CA GLN A 136 21.27 -3.24 2.68
C GLN A 136 19.82 -2.86 2.31
N VAL A 137 18.96 -3.86 2.15
CA VAL A 137 17.60 -3.61 1.64
C VAL A 137 16.58 -4.06 2.67
N VAL A 138 15.61 -3.21 2.96
CA VAL A 138 14.50 -3.54 3.85
C VAL A 138 13.23 -3.23 3.09
N MET A 139 12.32 -4.21 3.06
CA MET A 139 11.12 -4.15 2.22
C MET A 139 9.90 -4.24 3.11
N PHE A 140 8.92 -3.36 2.88
CA PHE A 140 7.67 -3.31 3.64
C PHE A 140 6.51 -3.59 2.71
N GLY A 141 5.63 -4.50 3.11
CA GLY A 141 4.34 -4.56 2.46
C GLY A 141 3.56 -5.78 2.89
N ASP A 142 2.36 -5.86 2.34
CA ASP A 142 1.44 -6.95 2.67
C ASP A 142 1.47 -7.91 1.49
N LEU A 143 2.02 -9.10 1.73
CA LEU A 143 2.09 -10.15 0.72
C LEU A 143 0.75 -10.34 -0.01
N PHE A 144 -0.35 -10.50 0.74
CA PHE A 144 -1.60 -10.99 0.16
C PHE A 144 -2.51 -9.90 -0.35
N GLN A 145 -1.97 -8.73 -0.64
CA GLN A 145 -2.67 -7.74 -1.44
C GLN A 145 -2.22 -7.91 -2.89
N LEU A 146 -3.17 -8.22 -3.77
CA LEU A 146 -2.86 -8.63 -5.14
C LEU A 146 -2.03 -7.58 -5.88
N PRO A 147 -1.01 -7.99 -6.64
CA PRO A 147 -0.21 -7.02 -7.45
C PRO A 147 -1.01 -6.49 -8.62
N PRO A 148 -0.55 -5.40 -9.26
CA PRO A 148 -1.25 -4.91 -10.46
C PRO A 148 -1.20 -5.95 -11.56
N VAL A 149 -2.35 -6.19 -12.20
CA VAL A 149 -2.44 -7.25 -13.19
C VAL A 149 -1.42 -6.97 -14.30
N THR A 150 -0.49 -7.90 -14.49
CA THR A 150 0.59 -7.69 -15.43
C THR A 150 0.05 -7.82 -16.85
N LYS A 151 0.34 -6.82 -17.69
CA LYS A 151 -0.12 -6.81 -19.09
C LYS A 151 0.23 -8.11 -19.80
N LYS A 152 -0.51 -8.45 -20.86
CA LYS A 152 -0.20 -9.69 -21.57
C LYS A 152 1.20 -9.62 -22.17
N GLN A 153 1.55 -8.48 -22.77
CA GLN A 153 2.88 -8.23 -23.27
C GLN A 153 3.93 -8.53 -22.20
N GLU A 154 3.89 -7.74 -21.11
CA GLU A 154 4.78 -7.93 -19.97
C GLU A 154 4.88 -9.40 -19.57
N ARG A 155 3.73 -10.08 -19.52
CA ARG A 155 3.64 -11.40 -18.91
C ARG A 155 4.55 -12.40 -19.62
N GLU A 156 4.49 -12.42 -20.95
CA GLU A 156 5.21 -13.47 -21.67
C GLU A 156 6.65 -13.10 -22.00
N ILE A 157 6.99 -11.81 -22.08
CA ILE A 157 8.39 -11.40 -22.14
C ILE A 157 9.13 -11.92 -20.92
N LEU A 158 8.67 -11.51 -19.72
CA LEU A 158 9.37 -11.91 -18.50
C LEU A 158 9.26 -13.40 -18.24
N SER A 159 8.29 -14.08 -18.86
CA SER A 159 8.08 -15.50 -18.59
C SER A 159 9.32 -16.33 -18.93
N ASP A 160 10.05 -15.95 -20.00
CA ASP A 160 11.26 -16.67 -20.38
C ASP A 160 12.35 -16.62 -19.31
N PHE A 161 12.28 -15.66 -18.40
CA PHE A 161 13.32 -15.49 -17.40
C PHE A 161 12.87 -15.64 -15.96
N TYR A 162 11.56 -15.54 -15.68
CA TYR A 162 11.07 -15.48 -14.31
C TYR A 162 10.10 -16.63 -14.03
N ASP A 163 10.30 -17.31 -12.89
CA ASP A 163 9.43 -18.40 -12.43
C ASP A 163 8.07 -17.91 -11.93
N GLY A 164 7.85 -16.61 -11.83
CA GLY A 164 6.63 -16.04 -11.29
C GLY A 164 6.78 -14.53 -11.30
N PHE A 165 5.71 -13.85 -10.91
CA PHE A 165 5.63 -12.40 -11.06
C PHE A 165 5.46 -11.67 -9.73
N PHE A 166 5.99 -12.23 -8.66
CA PHE A 166 6.04 -11.56 -7.37
C PHE A 166 7.46 -11.09 -7.10
N PHE A 167 7.59 -10.12 -6.18
CA PHE A 167 8.88 -9.48 -5.93
C PHE A 167 9.95 -10.50 -5.58
N PHE A 168 9.56 -11.55 -4.85
CA PHE A 168 10.51 -12.55 -4.44
C PHE A 168 10.95 -13.46 -5.58
N ASN A 169 10.34 -13.34 -6.76
CA ASN A 169 10.84 -14.08 -7.92
C ASN A 169 12.01 -13.37 -8.61
N ALA A 170 12.45 -12.22 -8.08
CA ALA A 170 13.59 -11.50 -8.67
C ALA A 170 14.83 -12.37 -8.70
N LEU A 171 15.58 -12.31 -9.81
CA LEU A 171 16.72 -13.19 -9.95
C LEU A 171 17.80 -12.90 -8.91
N VAL A 172 17.87 -11.66 -8.43
CA VAL A 172 18.86 -11.32 -7.39
C VAL A 172 18.75 -12.23 -6.18
N PHE A 173 17.58 -12.83 -5.93
CA PHE A 173 17.45 -13.64 -4.72
C PHE A 173 18.03 -15.04 -4.88
N LYS A 174 18.51 -15.41 -6.07
CA LYS A 174 19.41 -16.54 -6.15
C LYS A 174 20.83 -16.19 -5.71
N ARG A 175 21.12 -14.91 -5.46
CA ARG A 175 22.46 -14.53 -4.99
C ARG A 175 22.47 -13.97 -3.58
N THR A 176 21.39 -13.35 -3.13
CA THR A 176 21.27 -12.96 -1.74
C THR A 176 19.88 -13.40 -1.27
N GLY A 177 19.56 -13.11 -0.03
CA GLY A 177 18.25 -13.46 0.46
C GLY A 177 17.83 -12.48 1.52
N PHE A 178 16.72 -12.74 2.19
CA PHE A 178 16.23 -11.82 3.20
C PHE A 178 15.49 -12.60 4.29
N HIS A 179 15.57 -12.08 5.51
CA HIS A 179 14.75 -12.58 6.59
C HIS A 179 13.34 -12.01 6.44
N ILE A 180 12.36 -12.71 7.02
CA ILE A 180 10.97 -12.28 7.03
C ILE A 180 10.53 -12.15 8.48
N VAL A 181 9.91 -11.03 8.85
CA VAL A 181 9.23 -10.91 10.13
C VAL A 181 7.84 -10.37 9.85
N GLU A 182 6.83 -11.02 10.41
CA GLU A 182 5.47 -10.59 10.24
C GLU A 182 5.04 -9.84 11.49
N LEU A 183 4.49 -8.64 11.29
CA LEU A 183 3.86 -7.89 12.37
C LEU A 183 2.43 -8.41 12.53
N THR A 184 2.14 -8.97 13.72
CA THR A 184 0.87 -9.66 13.95
C THR A 184 -0.03 -8.95 14.95
N LYS A 185 0.42 -7.84 15.55
CA LYS A 185 -0.42 -7.09 16.47
C LYS A 185 -1.21 -6.04 15.67
N ILE A 186 -2.53 -6.19 15.63
CA ILE A 186 -3.41 -5.21 14.98
C ILE A 186 -3.84 -4.20 16.05
N PHE A 187 -3.32 -2.98 15.96
CA PHE A 187 -3.39 -2.06 17.09
C PHE A 187 -4.80 -1.51 17.34
N ARG A 188 -5.62 -1.42 16.29
CA ARG A 188 -6.94 -0.83 16.40
C ARG A 188 -7.90 -1.74 17.16
N GLN A 189 -7.87 -3.03 16.86
CA GLN A 189 -8.74 -3.99 17.54
C GLN A 189 -8.08 -5.35 17.44
N THR A 190 -8.52 -6.27 18.29
CA THR A 190 -7.97 -7.63 18.31
C THR A 190 -9.15 -8.58 18.16
N GLU A 191 -9.27 -9.18 16.97
CA GLU A 191 -10.44 -9.98 16.58
C GLU A 191 -10.01 -11.36 16.13
N PRO A 192 -9.66 -12.24 17.08
CA PRO A 192 -9.03 -13.52 16.70
C PRO A 192 -9.83 -14.35 15.72
N GLU A 193 -11.17 -14.33 15.81
CA GLU A 193 -11.99 -15.18 14.94
C GLU A 193 -11.96 -14.69 13.51
N PHE A 194 -12.11 -13.39 13.33
CA PHE A 194 -12.02 -12.77 12.00
C PHE A 194 -10.64 -13.00 11.38
N ILE A 195 -9.58 -12.70 12.14
CA ILE A 195 -8.23 -12.99 11.65
C ILE A 195 -8.09 -14.46 11.26
N ASN A 196 -8.78 -15.37 11.96
CA ASN A 196 -8.62 -16.79 11.66
C ASN A 196 -9.31 -17.16 10.36
N VAL A 197 -10.55 -16.71 10.19
CA VAL A 197 -11.25 -16.84 8.92
C VAL A 197 -10.41 -16.30 7.77
N LEU A 198 -9.83 -15.12 7.94
CA LEU A 198 -9.03 -14.51 6.88
C LEU A 198 -7.80 -15.35 6.57
N ASN A 199 -7.14 -15.86 7.60
CA ASN A 199 -5.96 -16.68 7.37
C ASN A 199 -6.35 -17.97 6.66
N ASN A 200 -7.53 -18.49 6.99
CA ASN A 200 -7.96 -19.76 6.40
C ASN A 200 -8.39 -19.56 4.96
N ILE A 201 -8.97 -18.42 4.63
CA ILE A 201 -9.34 -18.15 3.26
C ILE A 201 -8.09 -18.03 2.40
N ARG A 202 -7.11 -17.25 2.86
CA ARG A 202 -5.95 -17.03 2.00
C ARG A 202 -5.06 -18.27 1.92
N ASN A 203 -5.15 -19.17 2.90
CA ASN A 203 -4.40 -20.41 2.88
C ASN A 203 -5.18 -21.58 2.27
N TYR A 204 -6.39 -21.33 1.77
CA TYR A 204 -7.28 -22.37 1.20
C TYR A 204 -7.46 -23.53 2.18
N GLN A 205 -7.86 -23.19 3.41
CA GLN A 205 -8.13 -24.16 4.46
C GLN A 205 -9.45 -23.82 5.15
N VAL A 206 -10.44 -23.39 4.38
CA VAL A 206 -11.72 -22.95 4.94
C VAL A 206 -12.53 -24.17 5.35
N THR A 207 -13.08 -24.13 6.56
CA THR A 207 -13.93 -25.22 7.04
C THR A 207 -15.37 -24.99 6.56
N SER A 208 -16.19 -26.03 6.77
CA SER A 208 -17.61 -25.89 6.44
C SER A 208 -18.33 -24.96 7.40
N ASP A 209 -17.86 -24.85 8.65
CA ASP A 209 -18.38 -23.82 9.53
C ASP A 209 -18.12 -22.43 8.94
N GLU A 210 -16.84 -22.09 8.74
CA GLU A 210 -16.49 -20.81 8.14
C GLU A 210 -17.25 -20.56 6.85
N LEU A 211 -17.47 -21.62 6.06
CA LEU A 211 -18.17 -21.45 4.78
C LEU A 211 -19.58 -20.91 4.99
N ASP A 212 -20.29 -21.39 6.02
CA ASP A 212 -21.61 -20.84 6.26
C ASP A 212 -21.57 -19.58 7.12
N LEU A 213 -20.55 -19.47 7.98
CA LEU A 213 -20.22 -18.20 8.59
C LEU A 213 -20.15 -17.17 7.47
N LEU A 214 -19.48 -17.52 6.37
CA LEU A 214 -19.47 -16.64 5.20
C LEU A 214 -20.81 -16.58 4.49
N SER A 215 -21.67 -17.62 4.62
CA SER A 215 -22.93 -17.55 3.87
C SER A 215 -23.84 -16.50 4.47
N GLU A 216 -23.78 -16.33 5.78
CA GLU A 216 -24.69 -15.44 6.49
C GLU A 216 -24.49 -13.99 6.08
N LEU A 217 -23.27 -13.60 5.70
CA LEU A 217 -22.95 -12.20 5.41
C LEU A 217 -23.86 -11.57 4.36
N LYS A 218 -24.65 -12.35 3.61
CA LYS A 218 -25.53 -11.75 2.62
C LYS A 218 -26.68 -11.01 3.28
N ASP A 219 -27.22 -10.03 2.53
CA ASP A 219 -28.34 -9.19 2.94
C ASP A 219 -28.74 -8.24 1.80
N ARG A 220 -29.78 -8.60 1.04
CA ARG A 220 -30.19 -7.81 -0.12
C ARG A 220 -30.79 -6.47 0.27
N LYS A 221 -31.31 -6.32 1.49
CA LYS A 221 -31.86 -5.03 1.92
C LYS A 221 -30.74 -4.02 2.12
N ILE A 222 -29.78 -4.36 2.98
CA ILE A 222 -28.69 -3.44 3.29
C ILE A 222 -27.81 -3.19 2.07
N SER A 223 -27.44 -4.26 1.35
CA SER A 223 -26.50 -4.11 0.24
C SER A 223 -27.02 -3.22 -0.88
N SER A 224 -28.34 -3.04 -1.00
CA SER A 224 -28.86 -2.14 -2.04
C SER A 224 -29.23 -0.76 -1.50
N SER A 225 -28.91 -0.47 -0.25
CA SER A 225 -29.15 0.85 0.33
C SER A 225 -27.86 1.68 0.32
N TYR A 226 -28.00 2.99 0.09
CA TYR A 226 -26.85 3.88 0.06
C TYR A 226 -26.95 4.97 1.13
N ASP A 227 -27.67 4.70 2.25
CA ASP A 227 -27.85 5.65 3.34
C ASP A 227 -27.75 4.89 4.66
N ASN A 228 -26.55 4.37 4.98
CA ASN A 228 -26.46 3.49 6.14
C ASN A 228 -25.08 3.37 6.80
N GLU A 229 -24.12 4.24 6.51
CA GLU A 229 -22.77 4.18 7.08
C GLU A 229 -21.98 2.94 6.64
N TYR A 230 -22.56 2.04 5.85
CA TYR A 230 -21.79 1.04 5.14
C TYR A 230 -21.15 1.66 3.90
N ILE A 231 -19.87 1.42 3.68
CA ILE A 231 -19.23 1.87 2.45
C ILE A 231 -19.25 0.73 1.44
N HIS A 232 -19.65 1.04 0.21
CA HIS A 232 -19.69 0.05 -0.85
C HIS A 232 -18.28 -0.14 -1.42
N ILE A 233 -17.80 -1.37 -1.40
CA ILE A 233 -16.47 -1.68 -1.90
C ILE A 233 -16.62 -2.46 -3.19
N CYS A 234 -16.16 -1.87 -4.29
CA CYS A 234 -16.34 -2.43 -5.62
C CYS A 234 -15.00 -2.62 -6.33
N THR A 235 -14.98 -3.60 -7.24
CA THR A 235 -13.77 -3.85 -8.02
C THR A 235 -13.49 -2.73 -9.00
N HIS A 236 -14.52 -2.18 -9.64
CA HIS A 236 -14.34 -1.35 -10.84
C HIS A 236 -14.58 0.12 -10.54
N LYS A 237 -13.62 0.95 -10.98
CA LYS A 237 -13.68 2.39 -10.75
C LYS A 237 -14.95 3.00 -11.33
N ALA A 238 -15.41 2.47 -12.47
CA ALA A 238 -16.61 3.03 -13.10
C ALA A 238 -17.82 2.86 -12.20
N ASP A 239 -17.95 1.71 -11.54
CA ASP A 239 -19.07 1.52 -10.64
C ASP A 239 -19.02 2.47 -9.45
N VAL A 240 -17.80 2.78 -8.97
CA VAL A 240 -17.68 3.66 -7.81
C VAL A 240 -17.96 5.11 -8.18
N GLU A 241 -17.52 5.53 -9.37
CA GLU A 241 -17.82 6.90 -9.84
C GLU A 241 -19.33 7.12 -9.96
N LYS A 242 -20.03 6.17 -10.59
CA LYS A 242 -21.49 6.26 -10.71
C LYS A 242 -22.15 6.40 -9.34
N ILE A 243 -21.76 5.56 -8.37
CA ILE A 243 -22.42 5.58 -7.07
C ILE A 243 -22.19 6.90 -6.36
N ASN A 244 -20.96 7.41 -6.37
CA ASN A 244 -20.69 8.66 -5.66
C ASN A 244 -21.28 9.87 -6.39
N ALA A 245 -21.44 9.80 -7.72
CA ALA A 245 -22.10 10.86 -8.45
C ALA A 245 -23.60 10.87 -8.18
N ASP A 246 -24.27 9.72 -8.36
CA ASP A 246 -25.70 9.61 -8.08
C ASP A 246 -26.05 10.20 -6.72
N LYS A 247 -25.35 9.77 -5.67
CA LYS A 247 -25.70 10.23 -4.35
C LYS A 247 -25.35 11.70 -4.14
N LEU A 248 -24.25 12.17 -4.74
CA LEU A 248 -23.90 13.59 -4.61
C LEU A 248 -25.00 14.47 -5.19
N GLY A 249 -25.50 14.13 -6.37
CA GLY A 249 -26.50 14.92 -7.03
C GLY A 249 -25.95 16.23 -7.54
N GLU A 250 -26.88 17.08 -7.99
CA GLU A 250 -26.58 18.36 -8.60
C GLU A 250 -26.98 19.53 -7.73
N GLN A 251 -27.73 19.28 -6.65
CA GLN A 251 -28.26 20.35 -5.82
C GLN A 251 -27.18 20.84 -4.87
N GLU A 252 -26.87 22.13 -4.94
CA GLU A 252 -26.09 22.84 -3.91
C GLU A 252 -24.68 22.27 -3.77
N ILE A 253 -24.08 21.85 -4.88
CA ILE A 253 -22.74 21.27 -4.87
C ILE A 253 -21.70 22.39 -4.97
N ARG A 254 -20.72 22.37 -4.08
CA ARG A 254 -19.59 23.30 -4.16
C ARG A 254 -18.36 22.58 -4.69
N ASN A 255 -17.55 23.32 -5.44
CA ASN A 255 -16.33 22.78 -6.04
C ASN A 255 -15.10 23.47 -5.46
N TYR A 256 -14.14 22.67 -5.01
CA TYR A 256 -12.87 23.17 -4.49
C TYR A 256 -11.74 22.63 -5.37
N ASP A 257 -10.92 23.53 -5.91
CA ASP A 257 -9.92 23.14 -6.88
C ASP A 257 -8.60 22.88 -6.18
N ILE A 258 -7.92 21.82 -6.63
CA ILE A 258 -6.57 21.56 -6.15
C ILE A 258 -5.65 22.72 -6.55
N VAL A 259 -4.70 23.05 -5.67
CA VAL A 259 -3.70 24.08 -5.91
C VAL A 259 -2.33 23.40 -5.98
N ILE A 260 -1.64 23.58 -7.09
CA ILE A 260 -0.33 23.01 -7.32
C ILE A 260 0.72 24.11 -7.24
N LYS A 261 1.87 23.79 -6.63
CA LYS A 261 3.00 24.70 -6.55
C LYS A 261 4.23 23.94 -7.04
N ASP A 262 4.87 24.46 -8.10
CA ASP A 262 6.11 23.90 -8.66
C ASP A 262 5.95 22.50 -9.29
N LYS A 263 6.93 21.62 -9.06
CA LYS A 263 7.03 20.33 -9.76
C LYS A 263 6.26 19.23 -8.99
N PHE A 264 5.07 18.88 -9.46
CA PHE A 264 4.32 17.75 -8.90
C PHE A 264 3.91 16.78 -9.99
N PRO A 265 4.36 15.52 -9.94
CA PRO A 265 3.97 14.57 -10.98
C PRO A 265 2.49 14.31 -10.94
N GLU A 266 1.88 14.29 -12.13
CA GLU A 266 0.44 14.09 -12.22
C GLU A 266 0.03 12.79 -11.55
N SER A 267 0.82 11.73 -11.73
CA SER A 267 0.40 10.42 -11.24
C SER A 267 0.59 10.27 -9.74
N SER A 268 1.33 11.17 -9.10
CA SER A 268 1.56 11.18 -7.66
C SER A 268 0.50 11.96 -6.88
N ILE A 269 -0.45 12.60 -7.56
CA ILE A 269 -1.43 13.44 -6.88
C ILE A 269 -2.35 12.56 -6.04
N PRO A 270 -2.40 12.74 -4.72
CA PRO A 270 -3.12 11.80 -3.86
C PRO A 270 -4.54 12.20 -3.48
N CYS A 271 -5.07 13.28 -4.05
CA CYS A 271 -6.34 13.89 -3.63
C CYS A 271 -7.20 14.12 -4.87
N ASP A 272 -8.38 14.69 -4.66
CA ASP A 272 -9.24 15.05 -5.79
C ASP A 272 -8.67 16.28 -6.47
N LEU A 273 -8.73 16.30 -7.80
CA LEU A 273 -8.37 17.51 -8.55
C LEU A 273 -9.42 18.60 -8.36
N HIS A 274 -10.69 18.24 -8.48
CA HIS A 274 -11.82 19.13 -8.26
C HIS A 274 -12.71 18.44 -7.23
N LEU A 275 -12.61 18.84 -5.96
CA LEU A 275 -13.40 18.22 -4.90
C LEU A 275 -14.82 18.78 -4.91
N LYS A 276 -15.80 17.97 -5.32
CA LYS A 276 -17.20 18.39 -5.31
C LYS A 276 -17.89 17.79 -4.10
N LEU A 277 -18.48 18.65 -3.27
CA LEU A 277 -19.15 18.22 -2.05
C LEU A 277 -20.50 18.92 -1.93
N ARG A 278 -21.22 18.57 -0.86
CA ARG A 278 -22.48 19.18 -0.50
C ARG A 278 -22.75 18.79 0.94
N VAL A 279 -23.59 19.58 1.60
CA VAL A 279 -23.95 19.24 2.99
C VAL A 279 -24.60 17.86 3.02
N GLY A 280 -24.17 17.04 3.98
CA GLY A 280 -24.66 15.69 4.09
C GLY A 280 -23.90 14.65 3.28
N ALA A 281 -23.02 15.07 2.38
CA ALA A 281 -22.29 14.11 1.57
C ALA A 281 -21.41 13.21 2.45
N ARG A 282 -21.42 11.92 2.13
CA ARG A 282 -20.55 10.97 2.82
C ARG A 282 -19.11 11.10 2.30
N VAL A 283 -18.16 11.22 3.21
CA VAL A 283 -16.77 11.51 2.83
C VAL A 283 -15.81 10.70 3.69
N MET A 284 -14.58 10.60 3.20
CA MET A 284 -13.50 9.89 3.87
C MET A 284 -12.29 10.78 4.01
N SER A 285 -11.66 10.72 5.18
CA SER A 285 -10.42 11.45 5.39
C SER A 285 -9.26 10.73 4.70
N LEU A 286 -8.32 11.51 4.17
CA LEU A 286 -7.22 10.98 3.36
C LEU A 286 -5.87 11.03 4.06
N VAL A 287 -5.77 11.70 5.22
CA VAL A 287 -4.53 11.84 5.94
C VAL A 287 -4.78 11.55 7.42
N ASN A 288 -3.70 11.37 8.17
CA ASN A 288 -3.76 11.23 9.62
C ASN A 288 -3.28 12.52 10.25
N ASP A 289 -4.11 13.08 11.14
CA ASP A 289 -3.66 14.13 12.03
C ASP A 289 -4.16 13.73 13.40
N SER A 290 -3.25 13.17 14.22
CA SER A 290 -3.63 12.66 15.53
C SER A 290 -4.18 13.76 16.41
N LEU A 291 -3.68 14.99 16.26
CA LEU A 291 -4.09 16.07 17.16
C LEU A 291 -5.49 16.60 16.87
N LYS A 292 -5.92 16.64 15.59
CA LYS A 292 -7.33 16.92 15.29
C LYS A 292 -8.19 15.66 15.30
N GLY A 293 -7.58 14.50 15.55
CA GLY A 293 -8.31 13.25 15.71
C GLY A 293 -8.97 12.72 14.46
N TYR A 294 -8.23 12.65 13.36
CA TYR A 294 -8.72 11.93 12.20
C TYR A 294 -7.57 11.15 11.58
N TYR A 295 -7.92 10.08 10.89
CA TYR A 295 -6.94 9.19 10.30
C TYR A 295 -7.34 8.89 8.86
N ASN A 296 -6.37 8.38 8.11
CA ASN A 296 -6.60 7.95 6.74
C ASN A 296 -7.60 6.80 6.70
N GLY A 297 -8.79 7.06 6.17
CA GLY A 297 -9.85 6.07 6.12
C GLY A 297 -11.07 6.43 6.93
N MET A 298 -10.97 7.33 7.90
CA MET A 298 -12.12 7.67 8.72
C MET A 298 -13.25 8.24 7.86
N LEU A 299 -14.49 7.84 8.17
CA LEU A 299 -15.67 8.30 7.46
C LEU A 299 -16.44 9.34 8.26
N GLY A 300 -17.30 10.08 7.56
CA GLY A 300 -18.04 11.17 8.16
C GLY A 300 -19.10 11.66 7.20
N ILE A 301 -19.90 12.61 7.69
CA ILE A 301 -20.94 13.26 6.91
C ILE A 301 -20.62 14.75 6.89
N VAL A 302 -20.77 15.38 5.73
CA VAL A 302 -20.49 16.81 5.60
C VAL A 302 -21.64 17.59 6.22
N THR A 303 -21.31 18.40 7.22
CA THR A 303 -22.31 19.27 7.86
C THR A 303 -22.26 20.72 7.38
N ALA A 304 -21.06 21.29 7.19
CA ALA A 304 -20.94 22.69 6.76
C ALA A 304 -19.84 22.84 5.72
N LEU A 305 -20.07 23.75 4.77
CA LEU A 305 -19.21 24.06 3.63
C LEU A 305 -18.86 25.55 3.65
N GLU A 306 -17.61 25.89 3.91
CA GLU A 306 -17.16 27.28 3.78
C GLU A 306 -16.02 27.38 2.77
N ASP A 307 -15.49 28.60 2.63
CA ASP A 307 -14.44 28.84 1.64
C ASP A 307 -13.18 28.04 1.96
N ASN A 308 -12.72 28.11 3.20
CA ASN A 308 -11.48 27.47 3.61
C ASN A 308 -11.68 26.36 4.64
N VAL A 309 -12.91 25.91 4.87
CA VAL A 309 -13.19 24.98 5.95
C VAL A 309 -14.39 24.13 5.57
N ILE A 310 -14.23 22.80 5.62
CA ILE A 310 -15.37 21.86 5.52
C ILE A 310 -15.53 21.18 6.88
N THR A 311 -16.71 21.32 7.46
CA THR A 311 -16.97 20.72 8.75
C THR A 311 -17.70 19.40 8.54
N VAL A 312 -17.18 18.35 9.17
CA VAL A 312 -17.62 16.99 8.95
C VAL A 312 -17.87 16.33 10.29
N ARG A 313 -19.02 15.68 10.44
CA ARG A 313 -19.31 14.89 11.62
C ARG A 313 -18.88 13.44 11.34
N MET A 314 -17.82 13.01 12.01
CA MET A 314 -17.30 11.67 11.80
C MET A 314 -18.23 10.64 12.46
N ASP A 315 -18.10 9.39 12.02
CA ASP A 315 -18.99 8.34 12.50
C ASP A 315 -18.86 8.10 13.99
N ASN A 316 -17.71 8.45 14.59
CA ASN A 316 -17.48 8.26 16.00
C ASN A 316 -18.13 9.33 16.86
N GLY A 317 -19.00 10.16 16.28
CA GLY A 317 -19.67 11.25 16.99
C GLY A 317 -19.02 12.62 16.88
N ARG A 318 -17.71 12.65 16.65
CA ARG A 318 -17.01 13.91 16.43
C ARG A 318 -17.23 14.65 15.07
N THR A 319 -17.10 15.97 15.20
CA THR A 319 -17.13 17.11 14.29
C THR A 319 -15.75 17.75 14.25
N ILE A 320 -15.32 17.75 13.04
CA ILE A 320 -13.97 18.22 12.73
C ILE A 320 -14.02 19.31 11.67
N LYS A 321 -13.15 20.33 11.84
CA LYS A 321 -13.05 21.45 10.92
C LYS A 321 -11.86 21.20 9.99
N PHE A 322 -12.15 20.71 8.77
CA PHE A 322 -11.11 20.34 7.83
C PHE A 322 -10.61 21.57 7.07
N GLU A 323 -9.33 21.87 7.19
CA GLU A 323 -8.67 22.85 6.35
C GLU A 323 -7.91 22.15 5.23
N ARG A 324 -7.38 22.93 4.31
CA ARG A 324 -6.64 22.36 3.21
C ARG A 324 -5.33 21.77 3.72
N TYR A 325 -4.99 20.60 3.21
CA TYR A 325 -3.74 19.91 3.54
C TYR A 325 -2.77 20.09 2.37
N THR A 326 -1.47 20.17 2.68
CA THR A 326 -0.45 20.29 1.66
C THR A 326 0.38 19.02 1.64
N TRP A 327 0.39 18.32 0.51
CA TRP A 327 1.28 17.20 0.28
C TRP A 327 2.56 17.69 -0.36
N SER A 328 3.69 17.27 0.19
CA SER A 328 5.00 17.71 -0.25
C SER A 328 5.64 16.67 -1.17
N ASN A 329 6.00 17.09 -2.38
CA ASN A 329 6.79 16.26 -3.29
C ASN A 329 8.25 16.47 -2.96
N THR A 330 8.91 15.43 -2.44
CA THR A 330 10.29 15.58 -2.02
C THR A 330 11.21 14.77 -2.93
N GLN A 331 12.49 15.11 -2.85
CA GLN A 331 13.57 14.34 -3.46
C GLN A 331 14.75 14.37 -2.50
N TYR A 332 15.58 13.33 -2.58
CA TYR A 332 16.72 13.23 -1.68
C TYR A 332 17.92 13.99 -2.19
N THR A 333 18.78 14.43 -1.26
CA THR A 333 20.01 15.09 -1.64
C THR A 333 20.98 14.98 -0.48
N LEU A 334 22.19 15.48 -0.70
CA LEU A 334 23.25 15.43 0.30
C LEU A 334 23.43 16.80 0.94
N LYS A 335 23.74 16.81 2.23
CA LYS A 335 24.10 18.04 2.94
C LYS A 335 25.22 17.68 3.90
N ASP A 336 26.44 18.08 3.56
CA ASP A 336 27.65 17.65 4.30
C ASP A 336 27.64 16.13 4.42
N ASN A 337 27.68 15.46 3.26
CA ASN A 337 27.59 14.01 3.13
C ASN A 337 26.66 13.37 4.16
N GLU A 338 25.40 13.77 4.10
CA GLU A 338 24.33 13.22 4.92
C GLU A 338 23.07 13.34 4.08
N ILE A 339 22.30 12.25 3.97
CA ILE A 339 21.16 12.24 3.07
C ILE A 339 20.00 12.95 3.75
N VAL A 340 19.50 14.01 3.12
CA VAL A 340 18.35 14.76 3.60
C VAL A 340 17.36 14.94 2.46
N LYS A 341 16.22 15.53 2.79
CA LYS A 341 15.17 15.77 1.81
C LYS A 341 15.11 17.24 1.43
N GLU A 342 14.48 17.53 0.30
CA GLU A 342 14.20 18.90 -0.08
C GLU A 342 12.91 18.89 -0.86
N GLU A 343 12.06 19.88 -0.60
CA GLU A 343 10.80 19.98 -1.31
C GLU A 343 11.05 20.52 -2.72
N ILE A 344 10.45 19.88 -3.72
CA ILE A 344 10.51 20.36 -5.09
C ILE A 344 9.13 20.70 -5.62
N GLY A 345 8.09 20.51 -4.84
CA GLY A 345 6.76 20.89 -5.25
C GLY A 345 5.77 20.45 -4.20
N SER A 346 4.52 20.85 -4.41
CA SER A 346 3.48 20.48 -3.46
C SER A 346 2.15 20.60 -4.17
N CYS A 347 1.13 20.01 -3.55
CA CYS A 347 -0.24 20.26 -3.95
C CYS A 347 -1.09 20.38 -2.69
N THR A 348 -2.18 21.12 -2.80
CA THR A 348 -2.95 21.51 -1.62
C THR A 348 -4.43 21.37 -1.92
N GLN A 349 -5.18 20.83 -0.96
CA GLN A 349 -6.55 20.40 -1.19
C GLN A 349 -7.08 19.89 0.15
N PHE A 350 -8.38 19.92 0.36
CA PHE A 350 -8.90 19.35 1.58
C PHE A 350 -8.68 17.85 1.57
N PRO A 351 -8.29 17.28 2.63
CA PRO A 351 -7.97 15.84 2.63
C PRO A 351 -9.23 14.99 2.77
N LEU A 352 -10.14 15.16 1.83
CA LEU A 352 -11.44 14.49 1.82
C LEU A 352 -11.78 14.04 0.42
N THR A 353 -12.48 12.91 0.32
CA THR A 353 -13.04 12.48 -0.95
C THR A 353 -14.40 11.85 -0.69
N LEU A 354 -15.24 11.83 -1.73
CA LEU A 354 -16.54 11.18 -1.65
C LEU A 354 -16.38 9.70 -1.33
N ALA A 355 -17.17 9.30 -0.35
CA ALA A 355 -17.07 8.00 0.19
C ALA A 355 -18.28 7.14 0.41
N TRP A 356 -19.31 7.32 -0.39
CA TRP A 356 -20.38 6.32 -0.42
C TRP A 356 -19.87 5.00 -0.92
N ALA A 357 -18.80 5.02 -1.72
CA ALA A 357 -18.20 3.83 -2.29
C ALA A 357 -16.73 4.09 -2.52
N ILE A 358 -15.98 2.99 -2.69
CA ILE A 358 -14.54 3.06 -2.91
C ILE A 358 -14.12 1.77 -3.62
N THR A 359 -13.07 1.87 -4.44
CA THR A 359 -12.62 0.67 -5.12
C THR A 359 -11.70 -0.14 -4.20
N ILE A 360 -11.57 -1.42 -4.54
CA ILE A 360 -10.57 -2.27 -3.91
C ILE A 360 -9.21 -1.61 -3.95
N HIS A 361 -8.84 -1.07 -5.12
CA HIS A 361 -7.51 -0.48 -5.28
C HIS A 361 -7.33 0.73 -4.35
N LYS A 362 -8.24 1.69 -4.41
CA LYS A 362 -8.12 2.89 -3.59
C LYS A 362 -8.18 2.61 -2.10
N SER A 363 -8.73 1.48 -1.67
CA SER A 363 -8.83 1.20 -0.24
C SER A 363 -7.77 0.22 0.26
N GLN A 364 -6.72 0.00 -0.53
CA GLN A 364 -5.62 -0.86 -0.08
C GLN A 364 -4.97 -0.23 1.15
N GLY A 365 -4.65 -1.07 2.15
CA GLY A 365 -4.14 -0.60 3.42
C GLY A 365 -5.12 0.15 4.30
N LEU A 366 -6.42 0.07 4.03
CA LEU A 366 -7.44 0.73 4.83
C LEU A 366 -8.45 -0.28 5.37
N THR A 367 -9.05 0.03 6.51
CA THR A 367 -10.09 -0.81 7.08
C THR A 367 -11.22 0.08 7.54
N PHE A 368 -12.43 -0.48 7.51
CA PHE A 368 -13.67 0.22 7.80
C PHE A 368 -14.46 -0.59 8.83
N ASP A 369 -15.41 0.07 9.49
CA ASP A 369 -16.27 -0.61 10.45
C ASP A 369 -17.35 -1.43 9.75
N LYS A 370 -17.90 -0.90 8.67
CA LYS A 370 -19.04 -1.50 7.98
C LYS A 370 -18.78 -1.44 6.48
N ILE A 371 -18.78 -2.59 5.80
CA ILE A 371 -18.55 -2.59 4.36
C ILE A 371 -19.62 -3.42 3.68
N ILE A 372 -19.92 -3.05 2.44
CA ILE A 372 -20.74 -3.86 1.56
C ILE A 372 -19.86 -4.35 0.43
N ILE A 373 -19.82 -5.67 0.26
CA ILE A 373 -19.07 -6.33 -0.81
C ILE A 373 -20.01 -6.54 -1.99
N HIS A 374 -19.71 -5.88 -3.11
CA HIS A 374 -20.40 -6.18 -4.36
C HIS A 374 -19.72 -7.38 -5.00
N VAL A 375 -20.33 -8.55 -4.83
CA VAL A 375 -19.81 -9.76 -5.44
C VAL A 375 -19.51 -9.32 -6.85
N SER A 376 -18.35 -9.69 -7.37
CA SER A 376 -17.97 -9.27 -8.72
C SER A 376 -17.66 -10.68 -9.21
N HIS A 377 -18.68 -11.30 -9.82
CA HIS A 377 -18.53 -12.62 -10.41
C HIS A 377 -17.44 -12.57 -11.47
N THR A 378 -17.01 -13.75 -11.91
CA THR A 378 -15.69 -13.91 -12.50
C THR A 378 -14.64 -13.42 -11.50
N PHE A 379 -14.58 -14.14 -10.39
CA PHE A 379 -13.58 -13.90 -9.36
C PHE A 379 -12.18 -14.24 -9.87
N CYS A 380 -11.18 -13.67 -9.21
CA CYS A 380 -9.78 -13.91 -9.53
C CYS A 380 -9.13 -14.53 -8.30
N PRO A 381 -7.81 -14.71 -8.31
CA PRO A 381 -7.18 -15.29 -7.11
C PRO A 381 -7.00 -14.26 -6.03
N GLY A 382 -7.37 -14.64 -4.79
CA GLY A 382 -7.26 -13.76 -3.64
C GLY A 382 -8.26 -12.63 -3.57
N GLN A 383 -9.10 -12.41 -4.59
CA GLN A 383 -9.88 -11.19 -4.55
C GLN A 383 -11.00 -11.23 -3.51
N LEU A 384 -11.45 -12.42 -3.09
CA LEU A 384 -12.39 -12.45 -1.98
C LEU A 384 -11.72 -12.08 -0.67
N TYR A 385 -10.59 -12.73 -0.37
CA TYR A 385 -9.80 -12.36 0.80
C TYR A 385 -9.55 -10.85 0.85
N VAL A 386 -9.18 -10.24 -0.27
CA VAL A 386 -8.87 -8.81 -0.28
C VAL A 386 -10.09 -7.99 0.12
N ALA A 387 -11.27 -8.34 -0.43
CA ALA A 387 -12.46 -7.53 -0.14
C ALA A 387 -12.89 -7.70 1.32
N LEU A 388 -12.87 -8.92 1.84
CA LEU A 388 -13.18 -9.12 3.24
C LEU A 388 -12.15 -8.45 4.14
N SER A 389 -10.90 -8.34 3.67
CA SER A 389 -9.86 -7.74 4.48
C SER A 389 -10.07 -6.25 4.72
N ARG A 390 -11.08 -5.66 4.09
CA ARG A 390 -11.29 -4.21 4.22
C ARG A 390 -12.12 -3.88 5.45
N CYS A 391 -12.59 -4.88 6.19
CA CYS A 391 -13.39 -4.66 7.38
C CYS A 391 -12.57 -4.95 8.62
N ARG A 392 -13.07 -4.48 9.77
CA ARG A 392 -12.37 -4.73 11.02
C ARG A 392 -12.93 -5.94 11.76
N THR A 393 -14.18 -6.30 11.50
CA THR A 393 -14.78 -7.48 12.10
C THR A 393 -15.55 -8.25 11.04
N LEU A 394 -15.82 -9.53 11.36
CA LEU A 394 -16.79 -10.30 10.58
C LEU A 394 -18.16 -9.65 10.55
N GLU A 395 -18.55 -9.00 11.64
CA GLU A 395 -19.93 -8.52 11.80
C GLU A 395 -20.22 -7.31 10.94
N GLY A 396 -19.21 -6.50 10.63
CA GLY A 396 -19.47 -5.34 9.81
C GLY A 396 -19.53 -5.61 8.31
N ILE A 397 -19.51 -6.88 7.89
CA ILE A 397 -19.43 -7.23 6.49
C ILE A 397 -20.81 -7.66 6.00
N VAL A 398 -21.27 -7.04 4.92
CA VAL A 398 -22.49 -7.43 4.24
C VAL A 398 -22.14 -7.67 2.78
N SER A 399 -22.66 -8.75 2.19
CA SER A 399 -22.36 -9.04 0.78
C SER A 399 -23.57 -8.81 -0.13
N ASP A 400 -23.25 -8.48 -1.38
CA ASP A 400 -24.16 -8.42 -2.53
C ASP A 400 -24.95 -9.71 -2.62
N ALA A 401 -24.27 -10.80 -2.98
CA ALA A 401 -24.89 -12.09 -3.14
C ALA A 401 -24.35 -13.05 -2.10
N PHE A 402 -24.69 -14.32 -2.26
CA PHE A 402 -24.15 -15.33 -1.37
C PHE A 402 -22.70 -15.59 -1.77
N ILE A 403 -21.83 -15.68 -0.77
CA ILE A 403 -20.42 -15.99 -0.97
C ILE A 403 -20.31 -17.50 -0.99
N THR A 404 -19.90 -18.06 -2.13
CA THR A 404 -19.86 -19.52 -2.32
C THR A 404 -18.41 -20.01 -2.33
N LYS A 405 -18.25 -21.32 -2.16
CA LYS A 405 -16.91 -21.90 -2.08
C LYS A 405 -16.12 -21.61 -3.35
N GLN A 406 -16.78 -21.56 -4.50
CA GLN A 406 -16.07 -21.32 -5.75
C GLN A 406 -15.55 -19.89 -5.88
N MET A 407 -15.97 -18.97 -5.02
CA MET A 407 -15.41 -17.61 -5.04
C MET A 407 -14.07 -17.53 -4.33
N ILE A 408 -13.71 -18.55 -3.56
CA ILE A 408 -12.41 -18.59 -2.90
C ILE A 408 -11.41 -19.14 -3.92
N ILE A 409 -10.63 -18.26 -4.55
CA ILE A 409 -9.62 -18.66 -5.52
C ILE A 409 -8.25 -18.42 -4.90
N PRO A 410 -7.54 -19.47 -4.48
CA PRO A 410 -6.27 -19.30 -3.78
C PRO A 410 -5.15 -18.84 -4.71
N GLU A 411 -4.13 -18.24 -4.10
CA GLU A 411 -2.90 -17.90 -4.80
C GLU A 411 -1.82 -18.84 -4.28
N TYR A 412 -1.63 -19.96 -4.97
CA TYR A 412 -0.71 -20.98 -4.46
C TYR A 412 0.74 -20.50 -4.47
N ALA A 413 1.11 -19.54 -5.34
CA ALA A 413 2.49 -19.03 -5.28
C ALA A 413 2.77 -18.37 -3.94
N LEU A 414 1.79 -17.64 -3.41
CA LEU A 414 1.95 -16.97 -2.12
C LEU A 414 1.92 -17.98 -0.97
N ILE A 415 1.04 -19.00 -1.05
CA ILE A 415 1.00 -20.01 0.01
C ILE A 415 2.30 -20.80 0.06
N ASP A 416 2.84 -21.13 -1.13
CA ASP A 416 4.14 -21.82 -1.19
C ASP A 416 5.28 -20.94 -0.66
N PHE A 417 5.29 -19.63 -1.01
CA PHE A 417 6.29 -18.73 -0.47
C PHE A 417 6.29 -18.73 1.05
N GLU A 418 5.12 -18.50 1.66
CA GLU A 418 5.01 -18.52 3.12
C GLU A 418 5.47 -19.85 3.69
N ARG A 419 4.89 -20.95 3.22
CA ARG A 419 5.29 -22.27 3.69
C ARG A 419 6.79 -22.46 3.56
N ALA A 420 7.39 -21.97 2.47
CA ALA A 420 8.82 -22.17 2.27
C ALA A 420 9.64 -21.36 3.28
N TYR A 421 9.27 -20.09 3.52
CA TYR A 421 10.13 -19.34 4.43
C TYR A 421 9.90 -19.75 5.87
N LYS A 422 8.67 -20.09 6.25
CA LYS A 422 8.43 -20.51 7.62
C LYS A 422 9.11 -21.82 7.94
N SER A 423 9.36 -22.65 6.93
CA SER A 423 10.05 -23.91 7.16
C SER A 423 11.57 -23.73 7.24
N GLU A 424 12.12 -22.71 6.58
CA GLU A 424 13.56 -22.49 6.53
C GLU A 424 14.01 -21.31 7.40
N GLY A 425 13.41 -21.17 8.58
CA GLY A 425 13.87 -20.19 9.54
C GLY A 425 13.51 -18.76 9.27
N ASN A 426 12.35 -18.51 8.66
CA ASN A 426 11.91 -17.17 8.27
C ASN A 426 12.95 -16.46 7.41
N TYR A 427 13.41 -17.17 6.39
CA TYR A 427 14.43 -16.68 5.47
C TYR A 427 14.12 -17.22 4.07
N TYR A 428 14.32 -16.38 3.06
CA TYR A 428 14.10 -16.78 1.69
C TYR A 428 15.28 -16.33 0.86
N GLY A 429 15.62 -17.12 -0.15
CA GLY A 429 16.74 -16.82 -1.00
C GLY A 429 18.02 -17.48 -0.55
N LYS A 430 19.11 -17.03 -1.15
CA LYS A 430 20.42 -17.57 -0.85
C LYS A 430 20.93 -17.07 0.49
N ARG A 431 21.46 -17.98 1.30
CA ARG A 431 22.03 -17.62 2.60
C ARG A 431 23.51 -17.34 2.45
N LEU A 432 23.98 -16.27 3.12
CA LEU A 432 25.40 -15.88 3.05
C LEU A 432 26.22 -16.44 4.21
PB ADP B . -0.02 -0.24 8.63
O1B ADP B . 0.57 -1.62 8.81
O2B ADP B . 0.94 0.78 8.06
O3B ADP B . -1.39 -0.23 8.00
PA ADP B . -0.02 1.80 10.53
O1A ADP B . 1.46 2.00 10.75
O2A ADP B . -0.75 2.68 9.54
O3A ADP B . -0.28 0.27 10.14
O5' ADP B . -0.76 1.94 11.96
C5' ADP B . -2.13 1.56 12.10
C4' ADP B . -2.70 2.24 13.34
O4' ADP B . -2.26 1.55 14.51
C3' ADP B . -2.25 3.69 13.45
O3' ADP B . -3.38 4.55 13.45
C2' ADP B . -1.51 3.80 14.76
O2' ADP B . -2.15 4.75 15.61
C1' ADP B . -1.54 2.42 15.40
N9 ADP B . -0.16 1.91 15.58
C8 ADP B . 0.64 1.45 14.60
N7 ADP B . 1.85 1.07 15.09
C5 ADP B . 1.82 1.28 16.43
C6 ADP B . 2.76 1.09 17.56
N6 ADP B . 4.00 0.59 17.35
N1 ADP B . 2.35 1.44 18.78
C2 ADP B . 1.11 1.94 19.00
N3 ADP B . 0.21 2.14 18.02
C4 ADP B . 0.50 1.84 16.74
AL ALF C . 0.67 1.37 5.67
F1 ALF C . 1.63 0.05 4.93
F2 ALF C . -0.30 2.69 6.41
F3 ALF C . 2.04 2.51 5.43
F4 ALF C . -0.71 0.23 5.90
#